data_5FQH
#
_entry.id   5FQH
#
_cell.length_a   111.130
_cell.length_b   111.130
_cell.length_c   95.770
_cell.angle_alpha   90.00
_cell.angle_beta   90.00
_cell.angle_gamma   120.00
#
_symmetry.space_group_name_H-M   'P 32 2 1'
#
loop_
_entity.id
_entity.type
_entity.pdbx_description
1 polymer BETA-N-ACETYLGALACTOSAMINIDASE
2 branched 2-acetamido-2-deoxy-beta-D-galactopyranose-(1-4)-beta-D-galactopyranose-(1-4)-beta-D-glucopyranose
3 non-polymer 'PHOSPHATE ION'
4 water water
#
_entity_poly.entity_id   1
_entity_poly.type   'polypeptide(L)'
_entity_poly.pdbx_seq_one_letter_code
;MGSSHHHHHHSSGLVPRGSHMASMKKDTTLGASIGSTDFHYLQKDYDEIKKLNLNTWNEVAWIGDELNSKIVMWTNSSPV
NNVTLSSSDFINENGDLISSNNIKISWLKETLANIGRSNPSAPLEPFPDIIHNSGSLNIEKNKIASAWINIKIPRNAKPG
IYNGSIEVTADELEKSYTFDYSFEVLNLVQPLPSETNTQIEFWQHPYTIARYYKICKEDLFTEKHFKYLRGNLKEYRNMG
GRGVIATIVHEAWNHQSYDSDPSMIKWRKNSYGTFEFDYSHFDKWIQLNIDLGILDPEKGFGQIKCYSIVPWNNRIQYFN
EATNKEEAINPTPGSDLWINIWTQFLTSFMSHLEEKGWFNITYISMNQRSMDDLKACVDLIENITNNSYEHFKISSAMDY
ESGNDYSFLDRIDDISIGLSHINHNSDDMKNMATHRQELGLLTTIYTCTGDYPSSFTISDPSEGAFTIWYSLYQNTNGFL
RWSWDGWVENPLENVSYKYWEPGDPFLIYPAEKDSIGKTFYSTPRLEKLKEGIRDINKAKYLMEKAPNLKNSIENLIYSL
KRPNKGENAYGSAVAASKEDRDLTISEANRIKNGINNFAREFISLTMETL
;
_entity_poly.pdbx_strand_id   A
#
# COMPACT_ATOMS: atom_id res chain seq x y z
N THR A 28 36.94 -12.11 -10.53
CA THR A 28 37.15 -10.69 -10.95
C THR A 28 37.07 -9.79 -9.71
N THR A 29 37.12 -8.49 -9.96
CA THR A 29 36.96 -7.53 -8.91
C THR A 29 35.45 -7.33 -8.64
N LEU A 30 34.61 -7.62 -9.65
CA LEU A 30 33.15 -7.43 -9.58
C LEU A 30 32.38 -8.48 -10.37
N GLY A 31 31.43 -9.14 -9.71
CA GLY A 31 30.53 -10.11 -10.35
C GLY A 31 29.14 -9.53 -10.51
N ALA A 32 28.37 -10.08 -11.45
CA ALA A 32 27.04 -9.56 -11.75
C ALA A 32 26.12 -10.63 -12.32
N SER A 33 24.84 -10.57 -11.94
CA SER A 33 23.83 -11.49 -12.44
C SER A 33 22.43 -10.88 -12.31
N ILE A 34 21.54 -11.20 -13.24
CA ILE A 34 20.14 -10.87 -13.04
C ILE A 34 19.70 -11.63 -11.81
N GLY A 35 18.73 -11.08 -11.08
CA GLY A 35 18.17 -11.73 -9.88
C GLY A 35 16.68 -11.46 -9.75
N SER A 36 16.04 -12.14 -8.84
CA SER A 36 14.60 -12.04 -8.75
C SER A 36 14.23 -10.74 -8.03
N THR A 37 13.07 -10.19 -8.36
CA THR A 37 12.48 -9.15 -7.54
C THR A 37 11.62 -9.72 -6.41
N ASP A 38 11.46 -11.04 -6.35
CA ASP A 38 10.56 -11.69 -5.40
C ASP A 38 11.07 -11.79 -3.98
N PHE A 39 12.37 -11.70 -3.78
CA PHE A 39 12.95 -11.85 -2.46
C PHE A 39 14.19 -10.99 -2.40
N HIS A 40 14.70 -10.78 -1.19
CA HIS A 40 15.90 -9.98 -1.01
C HIS A 40 17.21 -10.77 -1.22
N TYR A 41 18.21 -10.10 -1.79
CA TYR A 41 19.55 -10.60 -1.79
C TYR A 41 20.29 -9.98 -0.65
N LEU A 42 20.59 -10.80 0.35
CA LEU A 42 21.14 -10.36 1.61
C LEU A 42 22.62 -10.69 1.74
N GLN A 43 23.29 -9.91 2.58
CA GLN A 43 24.72 -10.05 2.79
C GLN A 43 25.06 -11.43 3.32
N LYS A 44 24.31 -11.89 4.31
CA LYS A 44 24.47 -13.24 4.84
C LYS A 44 24.52 -14.33 3.75
N ASP A 45 23.90 -14.08 2.60
CA ASP A 45 23.85 -15.06 1.53
C ASP A 45 24.93 -14.82 0.48
N TYR A 46 25.92 -14.02 0.85
CA TYR A 46 27.05 -13.66 -0.01
C TYR A 46 27.57 -14.84 -0.82
N ASP A 47 28.08 -15.87 -0.12
CA ASP A 47 28.81 -16.97 -0.79
C ASP A 47 27.90 -17.69 -1.77
N GLU A 48 26.67 -17.98 -1.34
CA GLU A 48 25.63 -18.48 -2.26
C GLU A 48 25.39 -17.63 -3.52
N ILE A 49 25.40 -16.31 -3.35
CA ILE A 49 25.00 -15.38 -4.43
C ILE A 49 26.08 -15.25 -5.50
N LYS A 50 27.33 -15.38 -5.11
CA LYS A 50 28.43 -15.23 -6.05
C LYS A 50 28.42 -16.31 -7.13
N LYS A 51 27.72 -17.41 -6.87
CA LYS A 51 27.62 -18.51 -7.82
C LYS A 51 26.50 -18.34 -8.87
N LEU A 52 25.84 -17.18 -8.91
CA LEU A 52 24.79 -16.96 -9.91
C LEU A 52 25.39 -16.48 -11.20
N ASN A 53 24.75 -16.78 -12.32
CA ASN A 53 25.16 -16.25 -13.61
C ASN A 53 24.00 -16.30 -14.59
N LEU A 54 22.96 -15.55 -14.28
CA LEU A 54 21.80 -15.44 -15.15
C LEU A 54 21.95 -14.17 -16.02
N ASN A 55 21.86 -14.34 -17.33
CA ASN A 55 22.23 -13.31 -18.28
C ASN A 55 21.09 -12.87 -19.16
N THR A 56 19.93 -13.47 -18.98
CA THR A 56 18.86 -13.16 -19.88
C THR A 56 17.56 -13.07 -19.11
N TRP A 57 16.61 -12.29 -19.61
CA TRP A 57 15.35 -12.01 -18.91
C TRP A 57 14.29 -11.71 -19.91
N ASN A 58 13.09 -12.25 -19.69
CA ASN A 58 11.97 -11.99 -20.53
C ASN A 58 10.66 -12.00 -19.77
N GLU A 59 9.74 -11.09 -20.12
CA GLU A 59 8.47 -10.99 -19.42
C GLU A 59 7.46 -10.43 -20.34
N VAL A 60 6.21 -10.44 -19.89
CA VAL A 60 5.08 -10.05 -20.68
C VAL A 60 4.36 -8.91 -20.00
N ALA A 61 4.00 -7.89 -20.77
CA ALA A 61 3.35 -6.70 -20.24
C ALA A 61 2.31 -6.24 -21.19
N TRP A 62 1.40 -5.41 -20.69
CA TRP A 62 0.46 -4.72 -21.56
C TRP A 62 0.92 -3.30 -21.92
N ILE A 63 0.23 -2.66 -22.84
CA ILE A 63 0.51 -1.26 -23.13
C ILE A 63 0.14 -0.48 -21.85
N GLY A 64 1.02 0.41 -21.41
CA GLY A 64 0.74 1.21 -20.20
C GLY A 64 1.08 0.52 -18.89
N ASP A 65 1.64 -0.70 -18.98
CA ASP A 65 1.99 -1.54 -17.84
C ASP A 65 3.41 -1.18 -17.35
N GLU A 66 3.90 -1.90 -16.34
CA GLU A 66 5.26 -1.75 -15.89
C GLU A 66 5.82 -3.10 -15.61
N LEU A 67 7.12 -3.18 -15.59
CA LEU A 67 7.82 -4.40 -15.34
C LEU A 67 8.96 -4.06 -14.45
N ASN A 68 9.32 -5.00 -13.60
CA ASN A 68 10.49 -4.84 -12.77
C ASN A 68 11.43 -6.01 -12.85
N SER A 69 12.69 -5.73 -12.56
CA SER A 69 13.74 -6.72 -12.57
C SER A 69 14.83 -6.18 -11.68
N LYS A 70 15.92 -6.92 -11.60
CA LYS A 70 16.95 -6.64 -10.63
C LYS A 70 18.24 -7.26 -11.13
N ILE A 71 19.35 -6.58 -10.87
CA ILE A 71 20.67 -7.13 -11.09
C ILE A 71 21.39 -7.09 -9.78
N VAL A 72 21.99 -8.21 -9.46
CA VAL A 72 22.71 -8.40 -8.24
C VAL A 72 24.18 -8.41 -8.55
N MET A 73 24.95 -7.61 -7.83
CA MET A 73 26.39 -7.53 -8.04
C MET A 73 27.13 -7.94 -6.79
N TRP A 74 28.40 -8.33 -6.92
CA TRP A 74 29.19 -8.68 -5.74
C TRP A 74 30.66 -8.31 -5.90
N THR A 75 31.33 -8.19 -4.77
CA THR A 75 32.75 -7.86 -4.73
C THR A 75 33.48 -8.95 -3.98
N ASN A 76 34.81 -9.00 -4.16
CA ASN A 76 35.67 -9.97 -3.47
C ASN A 76 36.66 -9.28 -2.54
N SER A 77 37.85 -9.86 -2.36
CA SER A 77 38.84 -9.35 -1.41
C SER A 77 38.97 -7.82 -1.53
N SER A 78 38.80 -7.31 -2.76
CA SER A 78 38.97 -5.89 -3.05
C SER A 78 37.63 -5.14 -3.20
N PRO A 79 37.58 -3.86 -2.74
CA PRO A 79 36.41 -2.98 -2.91
C PRO A 79 36.39 -2.42 -4.31
N VAL A 80 35.31 -1.73 -4.69
CA VAL A 80 35.07 -1.35 -6.11
C VAL A 80 34.24 -0.09 -6.22
N ASN A 81 34.76 0.87 -6.99
CA ASN A 81 34.20 2.21 -7.06
C ASN A 81 33.46 2.51 -8.32
N ASN A 82 32.50 3.41 -8.20
CA ASN A 82 31.76 3.93 -9.34
C ASN A 82 31.06 2.86 -10.18
N VAL A 83 30.54 1.83 -9.51
CA VAL A 83 29.74 0.84 -10.21
C VAL A 83 28.58 1.56 -10.87
N THR A 84 28.38 1.39 -12.16
CA THR A 84 27.22 1.99 -12.84
C THR A 84 26.53 0.96 -13.74
N LEU A 85 25.23 1.11 -13.91
CA LEU A 85 24.46 0.26 -14.80
C LEU A 85 23.78 1.16 -15.77
N SER A 86 23.54 0.69 -17.00
CA SER A 86 22.79 1.51 -17.97
C SER A 86 22.05 0.68 -18.98
N SER A 87 21.06 1.28 -19.60
CA SER A 87 20.12 0.55 -20.41
C SER A 87 20.14 1.06 -21.82
N SER A 88 19.99 0.15 -22.77
CA SER A 88 19.85 0.53 -24.16
C SER A 88 18.45 1.04 -24.34
N ASP A 89 18.15 1.51 -25.54
CA ASP A 89 16.78 1.75 -25.91
C ASP A 89 16.20 0.36 -26.10
N PHE A 90 14.88 0.27 -26.13
CA PHE A 90 14.25 -0.98 -26.44
C PHE A 90 13.50 -0.79 -27.72
N ILE A 91 13.61 -1.80 -28.59
CA ILE A 91 13.07 -1.75 -29.96
C ILE A 91 12.38 -3.07 -30.33
N ASN A 92 11.21 -2.96 -30.95
CA ASN A 92 10.48 -4.16 -31.40
C ASN A 92 10.85 -4.52 -32.83
N GLU A 93 10.17 -5.53 -33.40
CA GLU A 93 10.51 -6.07 -34.75
C GLU A 93 10.03 -5.15 -35.87
N ASN A 94 9.24 -4.16 -35.51
CA ASN A 94 8.91 -3.10 -36.44
C ASN A 94 9.67 -1.83 -36.17
N GLY A 95 10.69 -1.91 -35.34
CA GLY A 95 11.49 -0.74 -35.02
C GLY A 95 10.76 0.34 -34.26
N ASP A 96 9.70 -0.04 -33.54
CA ASP A 96 9.05 0.90 -32.63
C ASP A 96 9.98 1.08 -31.45
N LEU A 97 9.98 2.29 -30.90
CA LEU A 97 10.95 2.64 -29.90
C LEU A 97 10.29 2.81 -28.53
N ILE A 98 10.95 2.26 -27.52
CA ILE A 98 10.70 2.61 -26.13
C ILE A 98 12.06 3.06 -25.63
N SER A 99 12.19 4.36 -25.37
CA SER A 99 13.48 4.97 -24.97
C SER A 99 14.04 4.40 -23.70
N SER A 100 15.34 4.50 -23.57
CA SER A 100 16.03 4.04 -22.40
C SER A 100 15.61 4.87 -21.17
N ASN A 101 15.00 6.03 -21.39
CA ASN A 101 14.52 6.84 -20.29
C ASN A 101 13.23 6.29 -19.66
N ASN A 102 12.58 5.31 -20.29
CA ASN A 102 11.46 4.62 -19.62
C ASN A 102 11.95 3.50 -18.71
N ILE A 103 13.26 3.30 -18.68
CA ILE A 103 13.90 2.29 -17.87
C ILE A 103 14.63 3.06 -16.80
N LYS A 104 14.29 2.87 -15.55
CA LYS A 104 15.00 3.52 -14.48
C LYS A 104 15.64 2.44 -13.61
N ILE A 105 16.94 2.57 -13.45
CA ILE A 105 17.72 1.66 -12.69
C ILE A 105 18.15 2.35 -11.41
N SER A 106 17.82 1.76 -10.28
CA SER A 106 18.03 2.41 -8.99
C SER A 106 18.73 1.47 -8.04
N TRP A 107 19.79 1.91 -7.39
CA TRP A 107 20.40 1.11 -6.34
C TRP A 107 19.38 0.84 -5.25
N LEU A 108 19.40 -0.39 -4.75
CA LEU A 108 18.59 -0.77 -3.63
C LEU A 108 19.43 -0.48 -2.41
N LYS A 109 19.04 0.51 -1.65
CA LYS A 109 19.76 0.86 -0.44
C LYS A 109 19.33 -0.04 0.71
N GLU A 110 20.30 -0.44 1.53
CA GLU A 110 20.02 -1.26 2.69
C GLU A 110 19.82 -0.39 3.92
N THR A 111 18.93 -0.82 4.80
CA THR A 111 18.71 -0.18 6.06
C THR A 111 18.69 -1.27 7.12
N LEU A 112 18.90 -0.89 8.38
CA LEU A 112 18.93 -1.86 9.49
C LEU A 112 17.54 -2.15 10.01
N ALA A 113 17.32 -3.40 10.41
CA ALA A 113 16.05 -3.83 10.93
C ALA A 113 16.26 -4.91 11.98
N ASN A 114 15.84 -4.59 13.20
CA ASN A 114 15.54 -5.57 14.20
C ASN A 114 14.45 -6.51 13.67
N ILE A 115 14.79 -7.80 13.60
CA ILE A 115 14.00 -8.78 12.82
C ILE A 115 12.87 -9.38 13.62
N GLY A 116 12.75 -8.92 14.86
CA GLY A 116 11.74 -9.40 15.76
C GLY A 116 10.54 -8.49 15.85
N ARG A 117 9.60 -8.92 16.69
CA ARG A 117 8.47 -8.14 17.12
C ARG A 117 8.55 -7.85 18.62
N SER A 118 8.55 -6.56 18.98
CA SER A 118 8.80 -6.09 20.37
C SER A 118 9.80 -6.97 21.10
N ASN A 119 10.88 -7.28 20.40
CA ASN A 119 11.91 -8.10 20.94
C ASN A 119 13.19 -7.34 20.75
N PRO A 120 13.54 -6.47 21.71
CA PRO A 120 14.69 -5.57 21.57
C PRO A 120 16.06 -6.24 21.50
N SER A 121 16.16 -7.51 21.84
CA SER A 121 17.42 -8.20 21.76
C SER A 121 17.54 -9.00 20.49
N ALA A 122 16.56 -8.86 19.58
CA ALA A 122 16.61 -9.57 18.31
C ALA A 122 17.72 -8.99 17.44
N PRO A 123 18.31 -9.84 16.56
CA PRO A 123 19.39 -9.40 15.70
C PRO A 123 18.99 -8.25 14.78
N LEU A 124 19.92 -7.34 14.53
CA LEU A 124 19.66 -6.13 13.76
C LEU A 124 20.40 -6.31 12.45
N GLU A 125 19.65 -6.48 11.36
CA GLU A 125 20.25 -6.85 10.08
C GLU A 125 19.90 -5.90 8.94
N PRO A 126 20.79 -5.81 7.95
CA PRO A 126 20.52 -4.99 6.78
C PRO A 126 19.56 -5.65 5.81
N PHE A 127 18.61 -4.88 5.29
CA PHE A 127 17.69 -5.32 4.24
C PHE A 127 17.64 -4.27 3.15
N PRO A 128 17.63 -4.70 1.88
CA PRO A 128 17.63 -3.80 0.76
C PRO A 128 16.19 -3.42 0.40
N ASP A 129 15.63 -2.59 1.27
CA ASP A 129 14.20 -2.29 1.27
C ASP A 129 13.89 -1.00 0.56
N ILE A 130 14.94 -0.28 0.17
CA ILE A 130 14.78 1.04 -0.43
C ILE A 130 15.20 1.11 -1.89
N ILE A 131 14.26 1.43 -2.76
CA ILE A 131 14.53 1.78 -4.15
C ILE A 131 15.04 3.21 -4.17
N HIS A 132 16.36 3.32 -4.10
CA HIS A 132 17.06 4.58 -3.83
C HIS A 132 17.37 5.31 -5.14
N ASN A 133 18.64 5.64 -5.47
CA ASN A 133 18.91 6.47 -6.65
C ASN A 133 19.59 5.80 -7.83
N SER A 134 19.46 6.43 -8.99
CA SER A 134 20.21 6.07 -10.20
C SER A 134 21.62 6.53 -10.04
N GLY A 135 22.45 6.25 -11.04
CA GLY A 135 23.83 6.71 -11.05
C GLY A 135 24.74 5.72 -10.37
N SER A 136 25.91 6.19 -9.96
CA SER A 136 26.99 5.30 -9.61
C SER A 136 26.92 4.96 -8.14
N LEU A 137 27.80 4.08 -7.70
CA LEU A 137 27.80 3.63 -6.33
C LEU A 137 29.08 2.87 -6.05
N ASN A 138 29.67 3.09 -4.89
CA ASN A 138 30.83 2.33 -4.43
C ASN A 138 30.39 1.13 -3.67
N ILE A 139 31.26 0.12 -3.57
CA ILE A 139 30.90 -1.13 -2.96
C ILE A 139 32.08 -1.69 -2.21
N GLU A 140 31.95 -1.74 -0.89
CA GLU A 140 32.97 -2.28 -0.01
C GLU A 140 33.38 -3.73 -0.40
N LYS A 141 34.55 -4.13 0.06
CA LYS A 141 35.03 -5.51 -0.04
C LYS A 141 33.97 -6.52 0.43
N ASN A 142 33.83 -7.61 -0.35
CA ASN A 142 32.99 -8.76 0.02
C ASN A 142 31.52 -8.42 0.29
N LYS A 143 30.95 -7.52 -0.49
CA LYS A 143 29.57 -7.10 -0.30
C LYS A 143 28.68 -7.43 -1.49
N ILE A 144 27.41 -7.59 -1.16
CA ILE A 144 26.35 -7.66 -2.14
C ILE A 144 25.82 -6.25 -2.35
N ALA A 145 25.49 -5.92 -3.59
CA ALA A 145 24.74 -4.70 -3.89
C ALA A 145 23.84 -5.06 -5.02
N SER A 146 22.62 -4.53 -5.01
CA SER A 146 21.65 -4.86 -6.04
C SER A 146 21.05 -3.60 -6.58
N ALA A 147 20.55 -3.67 -7.81
CA ALA A 147 19.91 -2.53 -8.42
C ALA A 147 18.56 -2.92 -8.97
N TRP A 148 17.54 -2.15 -8.62
CA TRP A 148 16.20 -2.39 -9.11
C TRP A 148 16.10 -1.82 -10.51
N ILE A 149 15.35 -2.48 -11.38
CA ILE A 149 15.15 -1.98 -12.73
C ILE A 149 13.68 -1.89 -12.92
N ASN A 150 13.19 -0.71 -13.25
CA ASN A 150 11.80 -0.49 -13.50
C ASN A 150 11.62 -0.04 -14.94
N ILE A 151 10.71 -0.69 -15.65
CA ILE A 151 10.43 -0.42 -17.04
C ILE A 151 9.01 0.01 -17.16
N LYS A 152 8.79 1.25 -17.57
CA LYS A 152 7.45 1.74 -17.83
C LYS A 152 7.19 1.65 -19.34
N ILE A 153 6.13 0.92 -19.70
CA ILE A 153 5.69 0.81 -21.06
C ILE A 153 4.77 1.99 -21.25
N PRO A 154 5.09 2.88 -22.22
CA PRO A 154 4.19 4.01 -22.49
C PRO A 154 2.78 3.62 -22.86
N ARG A 155 1.82 4.47 -22.51
CA ARG A 155 0.43 4.21 -22.82
C ARG A 155 0.13 4.27 -24.28
N ASN A 156 1.05 4.77 -25.09
CA ASN A 156 0.81 4.76 -26.52
C ASN A 156 1.82 3.88 -27.25
N ALA A 157 2.51 3.01 -26.50
CA ALA A 157 3.51 2.14 -27.07
C ALA A 157 2.85 1.16 -28.02
N LYS A 158 3.63 0.72 -29.01
CA LYS A 158 3.19 -0.31 -29.95
C LYS A 158 3.47 -1.67 -29.35
N PRO A 159 2.56 -2.64 -29.61
CA PRO A 159 2.77 -4.03 -29.19
C PRO A 159 4.01 -4.65 -29.84
N GLY A 160 4.36 -5.85 -29.41
CA GLY A 160 5.44 -6.58 -30.03
C GLY A 160 6.47 -7.04 -29.03
N ILE A 161 7.52 -7.67 -29.54
CA ILE A 161 8.62 -8.12 -28.73
C ILE A 161 9.66 -7.02 -28.79
N TYR A 162 10.09 -6.55 -27.62
CA TYR A 162 11.12 -5.54 -27.54
C TYR A 162 12.37 -6.17 -27.00
N ASN A 163 13.52 -5.68 -27.46
CA ASN A 163 14.82 -6.15 -26.99
C ASN A 163 15.71 -4.97 -26.73
N GLY A 164 16.68 -5.22 -25.87
CA GLY A 164 17.55 -4.17 -25.39
C GLY A 164 18.52 -4.84 -24.47
N SER A 165 19.40 -4.06 -23.87
CA SER A 165 20.40 -4.64 -23.00
C SER A 165 20.75 -3.65 -21.94
N ILE A 166 21.20 -4.19 -20.81
CA ILE A 166 21.62 -3.38 -19.71
C ILE A 166 23.07 -3.74 -19.40
N GLU A 167 23.90 -2.71 -19.22
CA GLU A 167 25.31 -2.92 -19.01
C GLU A 167 25.67 -2.61 -17.55
N VAL A 168 26.68 -3.29 -17.03
CA VAL A 168 27.24 -3.04 -15.72
C VAL A 168 28.73 -2.83 -15.82
N THR A 169 29.23 -1.66 -15.41
CA THR A 169 30.68 -1.45 -15.33
C THR A 169 31.14 -0.77 -14.04
N ALA A 170 32.45 -0.59 -13.91
CA ALA A 170 33.11 0.00 -12.73
C ALA A 170 34.50 0.58 -13.11
N ASP A 171 35.15 1.24 -12.17
CA ASP A 171 36.52 1.74 -12.39
C ASP A 171 37.58 0.61 -12.37
N GLU A 172 37.61 -0.18 -11.29
CA GLU A 172 38.62 -1.27 -11.14
C GLU A 172 38.47 -2.39 -12.18
N LEU A 173 37.50 -2.23 -13.09
CA LEU A 173 37.17 -3.21 -14.09
C LEU A 173 37.46 -2.57 -15.44
N GLU A 174 38.13 -3.32 -16.30
CA GLU A 174 38.45 -2.82 -17.62
C GLU A 174 37.42 -3.40 -18.59
N LYS A 175 36.34 -3.95 -18.06
CA LYS A 175 35.32 -4.52 -18.87
C LYS A 175 33.96 -4.11 -18.37
N SER A 176 32.97 -4.47 -19.17
CA SER A 176 31.59 -4.23 -18.83
C SER A 176 30.80 -5.52 -19.06
N TYR A 177 29.87 -5.83 -18.15
CA TYR A 177 29.01 -6.99 -18.28
C TYR A 177 27.79 -6.58 -19.05
N THR A 178 27.13 -7.56 -19.64
CA THR A 178 26.01 -7.26 -20.51
C THR A 178 24.87 -8.27 -20.32
N PHE A 179 23.65 -7.76 -20.49
CA PHE A 179 22.48 -8.46 -20.01
C PHE A 179 21.41 -8.28 -21.02
N ASP A 180 20.85 -9.41 -21.41
CA ASP A 180 19.92 -9.50 -22.51
C ASP A 180 18.46 -9.43 -22.03
N TYR A 181 17.82 -8.28 -22.29
CA TYR A 181 16.50 -8.02 -21.81
C TYR A 181 15.58 -7.92 -23.01
N SER A 182 14.48 -8.66 -22.94
CA SER A 182 13.37 -8.44 -23.82
C SER A 182 12.10 -8.59 -23.05
N PHE A 183 11.04 -8.12 -23.66
CA PHE A 183 9.74 -8.23 -23.06
C PHE A 183 8.75 -8.04 -24.16
N GLU A 184 7.60 -8.68 -24.02
CA GLU A 184 6.56 -8.54 -24.99
C GLU A 184 5.50 -7.58 -24.46
N VAL A 185 5.16 -6.60 -25.28
CA VAL A 185 3.98 -5.81 -25.06
C VAL A 185 2.77 -6.42 -25.78
N LEU A 186 1.76 -6.83 -25.03
CA LEU A 186 0.54 -7.34 -25.60
C LEU A 186 -0.33 -6.19 -26.07
N ASN A 187 -1.19 -6.46 -27.04
CA ASN A 187 -2.01 -5.41 -27.63
C ASN A 187 -3.30 -5.17 -26.85
N LEU A 188 -3.14 -4.66 -25.62
CA LEU A 188 -4.25 -4.28 -24.73
C LEU A 188 -3.68 -3.22 -23.77
N VAL A 189 -4.53 -2.32 -23.34
CA VAL A 189 -4.11 -1.17 -22.56
C VAL A 189 -4.46 -1.41 -21.10
N GLN A 190 -3.42 -1.41 -20.29
CA GLN A 190 -3.55 -1.46 -18.84
C GLN A 190 -4.60 -0.41 -18.42
N PRO A 191 -5.63 -0.84 -17.69
CA PRO A 191 -6.65 0.14 -17.31
C PRO A 191 -6.04 1.21 -16.44
N LEU A 192 -6.47 2.45 -16.61
CA LEU A 192 -6.15 3.50 -15.67
C LEU A 192 -6.91 3.22 -14.38
N PRO A 193 -6.38 3.70 -13.22
CA PRO A 193 -7.07 3.40 -11.98
C PRO A 193 -8.54 3.76 -11.98
N SER A 194 -8.90 4.91 -12.52
CA SER A 194 -10.28 5.30 -12.48
C SER A 194 -11.15 4.48 -13.46
N GLU A 195 -10.56 3.64 -14.30
CA GLU A 195 -11.36 2.75 -15.13
C GLU A 195 -11.57 1.37 -14.49
N THR A 196 -11.13 1.16 -13.25
CA THR A 196 -11.30 -0.10 -12.57
C THR A 196 -12.28 0.06 -11.40
N ASN A 197 -12.58 -1.04 -10.72
CA ASN A 197 -13.39 -0.99 -9.54
C ASN A 197 -12.59 -1.55 -8.36
N THR A 198 -11.29 -1.50 -8.49
CA THR A 198 -10.43 -1.89 -7.39
C THR A 198 -10.39 -0.82 -6.31
N GLN A 199 -10.56 -1.25 -5.08
CA GLN A 199 -10.55 -0.39 -3.93
C GLN A 199 -9.20 -0.56 -3.30
N ILE A 200 -8.53 0.57 -3.05
CA ILE A 200 -7.28 0.58 -2.34
C ILE A 200 -7.39 1.68 -1.31
N GLU A 201 -7.04 1.36 -0.07
CA GLU A 201 -6.98 2.36 0.97
C GLU A 201 -5.72 2.16 1.77
N PHE A 202 -4.78 3.12 1.70
CA PHE A 202 -3.61 3.12 2.57
C PHE A 202 -3.72 4.37 3.45
N TRP A 203 -3.52 4.21 4.77
CA TRP A 203 -3.72 5.30 5.70
C TRP A 203 -2.49 6.17 5.71
N GLN A 204 -2.72 7.46 5.50
CA GLN A 204 -1.65 8.44 5.39
C GLN A 204 -1.55 9.18 6.72
N HIS A 205 -0.38 9.70 6.99
CA HIS A 205 -0.05 10.35 8.26
C HIS A 205 0.68 11.65 7.90
N PRO A 206 -0.09 12.65 7.48
CA PRO A 206 0.56 13.86 7.02
C PRO A 206 1.32 14.65 8.08
N TYR A 207 0.97 14.48 9.36
CA TYR A 207 1.72 15.15 10.39
C TYR A 207 3.08 14.50 10.51
N THR A 208 3.15 13.23 10.17
CA THR A 208 4.42 12.54 10.25
C THR A 208 5.34 13.10 9.20
N ILE A 209 4.81 13.39 8.01
CA ILE A 209 5.59 14.02 6.96
C ILE A 209 6.12 15.41 7.42
N ALA A 210 5.24 16.17 8.07
CA ALA A 210 5.62 17.45 8.67
C ALA A 210 6.74 17.32 9.67
N ARG A 211 6.69 16.30 10.50
CA ARG A 211 7.70 16.13 11.55
C ARG A 211 9.03 15.81 10.90
N TYR A 212 9.06 14.84 10.00
CA TYR A 212 10.30 14.46 9.33
C TYR A 212 11.01 15.61 8.65
N TYR A 213 10.26 16.47 8.00
CA TYR A 213 10.84 17.50 7.15
C TYR A 213 10.82 18.85 7.87
N LYS A 214 10.51 18.82 9.17
CA LYS A 214 10.60 19.98 10.03
C LYS A 214 9.72 21.09 9.59
N ILE A 215 8.49 20.74 9.24
CA ILE A 215 7.51 21.74 8.90
C ILE A 215 6.96 22.28 10.21
N CYS A 216 6.85 23.59 10.34
CA CYS A 216 6.45 24.14 11.62
C CYS A 216 4.94 24.13 11.79
N LYS A 217 4.50 24.22 13.04
CA LYS A 217 3.08 24.19 13.36
C LYS A 217 2.27 25.11 12.46
N GLU A 218 2.78 26.32 12.29
CA GLU A 218 2.10 27.37 11.53
C GLU A 218 2.07 27.13 10.03
N ASP A 219 2.98 26.30 9.54
CA ASP A 219 3.05 25.92 8.13
C ASP A 219 2.26 24.65 7.77
N LEU A 220 1.54 24.11 8.76
CA LEU A 220 0.82 22.84 8.58
C LEU A 220 -0.34 23.05 7.62
N PHE A 221 -0.34 22.23 6.58
CA PHE A 221 -1.33 22.24 5.54
C PHE A 221 -1.31 23.56 4.78
N THR A 222 -0.13 24.15 4.67
CA THR A 222 0.16 25.23 3.72
C THR A 222 1.05 24.65 2.68
N GLU A 223 1.28 25.44 1.65
CA GLU A 223 2.11 25.03 0.55
C GLU A 223 3.46 24.46 0.98
N LYS A 224 4.06 25.02 2.02
CA LYS A 224 5.33 24.49 2.50
C LYS A 224 5.21 23.04 2.96
N HIS A 225 4.05 22.68 3.51
CA HIS A 225 3.76 21.26 3.87
C HIS A 225 3.46 20.49 2.58
N PHE A 226 2.55 21.03 1.76
CA PHE A 226 2.06 20.36 0.55
C PHE A 226 3.20 19.93 -0.36
N LYS A 227 4.28 20.69 -0.40
CA LYS A 227 5.42 20.28 -1.17
C LYS A 227 6.00 18.92 -0.83
N TYR A 228 5.86 18.48 0.40
CA TYR A 228 6.37 17.15 0.77
C TYR A 228 5.31 16.03 0.73
N LEU A 229 4.09 16.43 0.43
CA LEU A 229 2.96 15.54 0.35
C LEU A 229 2.56 15.18 -1.07
N ARG A 230 2.74 16.08 -2.03
CA ARG A 230 2.14 15.89 -3.38
C ARG A 230 2.65 14.66 -4.13
N GLY A 231 3.96 14.47 -4.08
CA GLY A 231 4.60 13.36 -4.72
C GLY A 231 4.10 12.03 -4.21
N ASN A 232 4.12 11.87 -2.91
CA ASN A 232 3.75 10.57 -2.35
C ASN A 232 2.22 10.38 -2.48
N LEU A 233 1.46 11.45 -2.54
CA LEU A 233 0.03 11.30 -2.78
C LEU A 233 -0.29 10.96 -4.24
N LYS A 234 0.50 11.47 -5.17
CA LYS A 234 0.32 11.15 -6.58
C LYS A 234 0.62 9.71 -6.77
N GLU A 235 1.71 9.28 -6.15
CA GLU A 235 2.10 7.88 -6.19
C GLU A 235 0.95 6.96 -5.72
N TYR A 236 0.35 7.32 -4.60
CA TYR A 236 -0.82 6.61 -4.10
C TYR A 236 -1.96 6.61 -5.12
N ARG A 237 -2.26 7.78 -5.69
CA ARG A 237 -3.37 7.89 -6.63
C ARG A 237 -3.10 6.96 -7.81
N ASN A 238 -1.89 7.04 -8.33
CA ASN A 238 -1.58 6.36 -9.57
C ASN A 238 -1.57 4.86 -9.44
N MET A 239 -1.40 4.32 -8.24
CA MET A 239 -1.45 2.88 -8.08
C MET A 239 -2.84 2.38 -7.76
N GLY A 240 -3.77 3.32 -7.65
CA GLY A 240 -5.17 3.03 -7.44
C GLY A 240 -5.73 3.49 -6.10
N GLY A 241 -5.05 4.33 -5.35
CA GLY A 241 -5.56 4.77 -4.03
C GLY A 241 -6.86 5.57 -4.14
N ARG A 242 -7.83 5.25 -3.30
CA ARG A 242 -9.14 5.96 -3.29
C ARG A 242 -9.55 6.40 -1.88
N GLY A 243 -9.01 5.73 -0.87
CA GLY A 243 -9.38 6.06 0.52
C GLY A 243 -8.43 7.07 1.12
N VAL A 244 -9.00 8.11 1.72
CA VAL A 244 -8.25 9.08 2.46
C VAL A 244 -8.71 9.12 3.91
N ILE A 245 -7.81 8.80 4.84
CA ILE A 245 -8.16 8.86 6.25
C ILE A 245 -7.97 10.28 6.77
N ALA A 246 -8.80 10.64 7.72
CA ALA A 246 -8.78 11.95 8.35
C ALA A 246 -9.10 11.69 9.81
N THR A 247 -8.26 12.14 10.73
CA THR A 247 -8.58 11.97 12.13
C THR A 247 -9.57 13.05 12.59
N ILE A 248 -10.51 12.65 13.43
CA ILE A 248 -11.53 13.57 13.94
C ILE A 248 -11.53 13.76 15.47
N VAL A 249 -10.70 12.97 16.16
CA VAL A 249 -10.36 13.25 17.53
C VAL A 249 -8.90 13.05 17.66
N HIS A 250 -8.41 13.56 18.78
CA HIS A 250 -6.98 13.55 19.12
C HIS A 250 -6.50 12.16 19.50
N GLU A 251 -5.22 11.89 19.16
CA GLU A 251 -4.49 10.67 19.53
C GLU A 251 -5.32 9.38 19.50
N ALA A 252 -6.04 9.20 18.39
CA ALA A 252 -7.11 8.20 18.32
C ALA A 252 -6.65 6.75 18.41
N TRP A 253 -5.35 6.53 18.21
CA TRP A 253 -4.74 5.19 18.33
C TRP A 253 -3.78 5.17 19.49
N ASN A 254 -4.02 6.05 20.47
CA ASN A 254 -3.22 6.06 21.70
C ASN A 254 -1.75 6.14 21.47
N HIS A 255 -1.36 6.88 20.43
CA HIS A 255 0.05 7.04 20.15
C HIS A 255 0.78 5.72 19.88
N GLN A 256 0.11 4.76 19.30
CA GLN A 256 0.77 3.52 18.91
C GLN A 256 2.03 3.74 18.03
N SER A 257 2.06 4.83 17.27
CA SER A 257 3.12 5.00 16.25
C SER A 257 4.24 5.90 16.71
N TYR A 258 5.31 5.93 15.94
CA TYR A 258 6.46 6.70 16.31
C TYR A 258 5.98 8.15 16.56
N ASP A 259 5.24 8.69 15.60
CA ASP A 259 4.67 10.00 15.72
C ASP A 259 3.28 9.94 16.36
N SER A 260 2.97 10.97 17.14
CA SER A 260 1.61 11.24 17.58
C SER A 260 0.68 11.32 16.36
N ASP A 261 -0.60 11.06 16.58
CA ASP A 261 -1.66 11.35 15.60
C ASP A 261 -2.52 12.49 16.06
N PRO A 262 -2.21 13.74 15.63
CA PRO A 262 -3.10 14.87 15.93
C PRO A 262 -4.42 14.72 15.28
N SER A 263 -5.44 15.32 15.88
CA SER A 263 -6.72 15.40 15.24
C SER A 263 -6.63 16.46 14.15
N MET A 264 -7.30 16.19 13.05
CA MET A 264 -7.50 17.17 12.00
C MET A 264 -8.72 18.07 12.31
N ILE A 265 -9.46 17.73 13.35
CA ILE A 265 -10.59 18.56 13.80
C ILE A 265 -10.41 18.81 15.28
N LYS A 266 -10.20 20.07 15.66
CA LYS A 266 -9.92 20.40 17.07
C LYS A 266 -11.23 20.63 17.80
N TRP A 267 -11.35 20.03 18.98
CA TRP A 267 -12.56 20.06 19.74
C TRP A 267 -12.33 21.08 20.89
N ARG A 268 -13.35 21.86 21.17
CA ARG A 268 -13.31 22.76 22.31
C ARG A 268 -14.68 22.76 22.94
N LYS A 269 -14.71 22.93 24.25
CA LYS A 269 -15.93 23.07 24.98
C LYS A 269 -16.01 24.53 25.40
N ASN A 270 -17.06 25.23 24.95
CA ASN A 270 -17.23 26.65 25.24
C ASN A 270 -17.88 26.90 26.60
N SER A 271 -18.10 28.16 26.94
CA SER A 271 -18.68 28.52 28.24
C SER A 271 -20.07 27.95 28.50
N TYR A 272 -20.90 27.82 27.47
CA TYR A 272 -22.22 27.26 27.65
C TYR A 272 -22.11 25.77 27.90
N GLY A 273 -20.94 25.20 27.63
CA GLY A 273 -20.73 23.77 27.87
C GLY A 273 -21.15 22.87 26.71
N THR A 274 -21.21 23.41 25.51
CA THR A 274 -21.46 22.61 24.31
C THR A 274 -20.20 22.67 23.49
N PHE A 275 -20.05 21.67 22.63
CA PHE A 275 -18.80 21.51 21.92
C PHE A 275 -18.77 22.27 20.64
N GLU A 276 -17.60 22.79 20.31
CA GLU A 276 -17.38 23.41 19.03
C GLU A 276 -16.17 22.77 18.33
N PHE A 277 -16.18 22.81 17.01
CA PHE A 277 -15.21 22.08 16.23
C PHE A 277 -14.48 22.99 15.24
N ASP A 278 -13.16 22.85 15.20
CA ASP A 278 -12.35 23.58 14.27
C ASP A 278 -11.90 22.66 13.14
N TYR A 279 -12.51 22.83 11.97
CA TYR A 279 -12.28 21.96 10.80
C TYR A 279 -11.11 22.34 9.90
N SER A 280 -10.24 23.25 10.32
CA SER A 280 -9.25 23.85 9.40
C SER A 280 -8.32 22.85 8.78
N HIS A 281 -7.69 22.01 9.60
CA HIS A 281 -6.75 21.04 9.06
C HIS A 281 -7.44 20.00 8.21
N PHE A 282 -8.53 19.45 8.70
CA PHE A 282 -9.36 18.52 7.90
C PHE A 282 -9.67 19.12 6.51
N ASP A 283 -10.11 20.38 6.49
CA ASP A 283 -10.54 21.01 5.24
C ASP A 283 -9.40 21.12 4.26
N LYS A 284 -8.22 21.51 4.75
CA LYS A 284 -7.07 21.67 3.87
C LYS A 284 -6.61 20.34 3.35
N TRP A 285 -6.51 19.35 4.25
CA TRP A 285 -6.14 17.99 3.89
C TRP A 285 -7.06 17.45 2.84
N ILE A 286 -8.35 17.51 3.09
CA ILE A 286 -9.29 16.93 2.10
C ILE A 286 -9.19 17.68 0.77
N GLN A 287 -9.13 19.01 0.83
CA GLN A 287 -9.03 19.82 -0.37
C GLN A 287 -7.77 19.49 -1.13
N LEU A 288 -6.66 19.21 -0.44
CA LEU A 288 -5.47 18.80 -1.15
C LEU A 288 -5.76 17.50 -1.93
N ASN A 289 -6.38 16.55 -1.25
CA ASN A 289 -6.69 15.28 -1.89
C ASN A 289 -7.72 15.43 -3.07
N ILE A 290 -8.57 16.42 -2.98
CA ILE A 290 -9.52 16.71 -4.06
C ILE A 290 -8.69 17.30 -5.21
N ASP A 291 -7.79 18.22 -4.90
CA ASP A 291 -6.97 18.87 -5.91
C ASP A 291 -6.07 17.89 -6.64
N LEU A 292 -5.66 16.83 -5.95
CA LEU A 292 -4.77 15.83 -6.53
C LEU A 292 -5.54 14.73 -7.22
N GLY A 293 -6.88 14.79 -7.20
CA GLY A 293 -7.73 13.82 -7.91
C GLY A 293 -7.93 12.48 -7.20
N ILE A 294 -7.55 12.37 -5.93
CA ILE A 294 -7.82 11.12 -5.20
C ILE A 294 -9.29 11.10 -4.85
N LEU A 295 -9.83 12.28 -4.53
CA LEU A 295 -11.20 12.38 -4.14
C LEU A 295 -11.91 13.21 -5.19
N ASP A 296 -13.12 12.81 -5.55
CA ASP A 296 -13.98 13.65 -6.39
C ASP A 296 -15.39 13.68 -5.79
N PRO A 297 -15.64 14.61 -4.86
CA PRO A 297 -16.93 14.57 -4.18
C PRO A 297 -18.13 14.90 -5.10
N GLU A 298 -17.93 15.68 -6.15
CA GLU A 298 -19.04 15.93 -7.08
C GLU A 298 -19.45 14.67 -7.80
N LYS A 299 -18.48 13.88 -8.24
CA LYS A 299 -18.79 12.66 -8.97
C LYS A 299 -18.97 11.42 -8.10
N GLY A 300 -18.92 11.61 -6.78
CA GLY A 300 -19.02 10.50 -5.85
C GLY A 300 -17.85 9.54 -5.88
N PHE A 301 -16.62 10.01 -6.15
CA PHE A 301 -15.42 9.13 -6.16
C PHE A 301 -14.49 9.34 -4.97
N GLY A 302 -14.00 8.24 -4.44
CA GLY A 302 -12.99 8.24 -3.41
C GLY A 302 -13.71 8.23 -2.11
N GLN A 303 -13.04 7.89 -1.03
CA GLN A 303 -13.68 7.91 0.31
C GLN A 303 -12.89 8.75 1.29
N ILE A 304 -13.62 9.49 2.13
CA ILE A 304 -13.05 10.15 3.28
C ILE A 304 -13.41 9.29 4.45
N LYS A 305 -12.39 8.75 5.10
CA LYS A 305 -12.57 7.83 6.22
C LYS A 305 -12.27 8.57 7.52
N CYS A 306 -13.31 8.87 8.29
CA CYS A 306 -13.15 9.68 9.52
C CYS A 306 -12.92 8.84 10.77
N TYR A 307 -11.69 8.88 11.26
CA TYR A 307 -11.25 8.01 12.35
C TYR A 307 -11.17 8.75 13.71
N SER A 308 -11.95 8.34 14.72
CA SER A 308 -12.95 7.28 14.71
C SER A 308 -14.01 7.71 15.70
N ILE A 309 -15.21 7.16 15.53
CA ILE A 309 -16.25 7.30 16.55
C ILE A 309 -15.96 6.36 17.74
N VAL A 310 -15.08 5.40 17.53
CA VAL A 310 -14.61 4.57 18.63
C VAL A 310 -13.11 4.68 18.73
N PRO A 311 -12.63 5.89 19.06
CA PRO A 311 -11.20 6.00 19.26
C PRO A 311 -10.73 5.24 20.52
N TRP A 312 -9.44 5.15 20.70
CA TRP A 312 -8.92 4.32 21.76
C TRP A 312 -9.55 4.70 23.10
N ASN A 313 -10.12 3.70 23.77
CA ASN A 313 -10.66 3.84 25.09
C ASN A 313 -11.75 4.90 25.16
N ASN A 314 -12.32 5.24 23.99
CA ASN A 314 -13.38 6.23 23.83
C ASN A 314 -13.04 7.65 24.24
N ARG A 315 -11.75 7.90 24.31
CA ARG A 315 -11.21 9.14 24.79
C ARG A 315 -11.27 10.24 23.74
N ILE A 316 -11.86 11.35 24.14
CA ILE A 316 -11.93 12.58 23.39
C ILE A 316 -11.32 13.66 24.26
N GLN A 317 -10.22 14.21 23.80
CA GLN A 317 -9.53 15.30 24.43
C GLN A 317 -9.99 16.59 23.78
N TYR A 318 -10.14 17.63 24.59
CA TYR A 318 -10.66 18.89 24.11
C TYR A 318 -10.19 20.05 24.98
N PHE A 319 -10.24 21.24 24.43
CA PHE A 319 -9.94 22.39 25.22
C PHE A 319 -11.19 22.92 25.89
N ASN A 320 -11.17 23.00 27.21
CA ASN A 320 -12.27 23.58 27.94
C ASN A 320 -12.03 25.06 28.09
N GLU A 321 -12.81 25.86 27.37
CA GLU A 321 -12.71 27.31 27.48
C GLU A 321 -13.12 27.82 28.85
N ALA A 322 -14.07 27.17 29.52
CA ALA A 322 -14.48 27.60 30.86
C ALA A 322 -13.30 27.47 31.84
N THR A 323 -12.92 26.25 32.21
CA THR A 323 -11.79 26.05 33.14
C THR A 323 -10.45 26.43 32.51
N ASN A 324 -10.47 26.92 31.27
CA ASN A 324 -9.26 27.22 30.52
C ASN A 324 -8.15 26.19 30.72
N LYS A 325 -8.42 24.95 30.30
CA LYS A 325 -7.42 23.90 30.30
C LYS A 325 -7.86 22.77 29.40
N GLU A 326 -6.92 21.90 29.09
CA GLU A 326 -7.20 20.69 28.32
C GLU A 326 -7.84 19.65 29.21
N GLU A 327 -8.89 19.03 28.72
CA GLU A 327 -9.56 17.96 29.43
C GLU A 327 -9.82 16.82 28.44
N ALA A 328 -10.33 15.72 28.97
CA ALA A 328 -10.74 14.58 28.16
C ALA A 328 -12.01 13.98 28.75
N ILE A 329 -12.81 13.34 27.93
CA ILE A 329 -13.90 12.48 28.40
C ILE A 329 -13.74 11.11 27.74
N ASN A 330 -14.32 10.08 28.38
CA ASN A 330 -14.24 8.70 27.90
C ASN A 330 -15.57 8.02 27.92
N PRO A 331 -16.64 8.64 27.41
CA PRO A 331 -17.97 8.04 27.54
C PRO A 331 -18.15 6.70 26.84
N THR A 332 -18.94 5.83 27.44
CA THR A 332 -19.10 4.51 26.91
C THR A 332 -20.14 4.59 25.82
N PRO A 333 -19.87 3.92 24.68
CA PRO A 333 -20.79 3.81 23.56
C PRO A 333 -22.17 3.38 23.99
N GLY A 334 -23.18 4.07 23.52
CA GLY A 334 -24.55 3.86 23.96
C GLY A 334 -24.95 4.67 25.17
N SER A 335 -24.00 5.19 25.94
CA SER A 335 -24.35 5.89 27.16
C SER A 335 -25.00 7.21 26.80
N ASP A 336 -25.64 7.86 27.77
CA ASP A 336 -26.32 9.12 27.50
C ASP A 336 -25.35 10.23 27.15
N LEU A 337 -24.23 10.29 27.86
CA LEU A 337 -23.18 11.27 27.57
C LEU A 337 -22.62 11.02 26.15
N TRP A 338 -22.46 9.74 25.81
CA TRP A 338 -21.86 9.37 24.50
C TRP A 338 -22.75 9.84 23.37
N ILE A 339 -24.02 9.46 23.46
CA ILE A 339 -25.01 9.87 22.48
C ILE A 339 -25.10 11.37 22.38
N ASN A 340 -25.01 12.05 23.51
CA ASN A 340 -25.06 13.49 23.49
C ASN A 340 -23.91 14.11 22.71
N ILE A 341 -22.73 13.64 23.01
CA ILE A 341 -21.53 14.25 22.50
C ILE A 341 -21.35 13.93 21.02
N TRP A 342 -21.61 12.70 20.65
CA TRP A 342 -21.42 12.34 19.27
C TRP A 342 -22.55 12.89 18.42
N THR A 343 -23.70 13.14 19.04
CA THR A 343 -24.77 13.79 18.32
C THR A 343 -24.37 15.21 17.97
N GLN A 344 -23.71 15.87 18.89
CA GLN A 344 -23.20 17.20 18.62
C GLN A 344 -22.15 17.20 17.49
N PHE A 345 -21.21 16.28 17.55
CA PHE A 345 -20.17 16.25 16.54
C PHE A 345 -20.77 15.91 15.18
N LEU A 346 -21.47 14.80 15.11
CA LEU A 346 -22.01 14.30 13.84
C LEU A 346 -22.95 15.29 13.16
N THR A 347 -23.75 15.99 13.95
CA THR A 347 -24.66 17.00 13.45
C THR A 347 -23.89 18.16 12.88
N SER A 348 -22.96 18.68 13.67
CA SER A 348 -22.12 19.77 13.20
C SER A 348 -21.31 19.35 11.95
N PHE A 349 -20.76 18.16 11.97
CA PHE A 349 -19.84 17.72 10.91
C PHE A 349 -20.62 17.54 9.62
N MET A 350 -21.81 16.96 9.72
CA MET A 350 -22.69 16.76 8.57
C MET A 350 -23.02 18.09 7.93
N SER A 351 -23.41 19.08 8.73
CA SER A 351 -23.70 20.41 8.16
C SER A 351 -22.50 21.01 7.49
N HIS A 352 -21.36 20.89 8.16
CA HIS A 352 -20.12 21.43 7.61
C HIS A 352 -19.79 20.77 6.28
N LEU A 353 -19.95 19.47 6.21
CA LEU A 353 -19.54 18.74 5.00
C LEU A 353 -20.54 19.03 3.89
N GLU A 354 -21.79 19.27 4.27
CA GLU A 354 -22.80 19.59 3.27
C GLU A 354 -22.52 20.92 2.61
N GLU A 355 -22.01 21.91 3.33
CA GLU A 355 -21.65 23.18 2.72
C GLU A 355 -20.46 23.07 1.82
N LYS A 356 -19.61 22.07 2.05
CA LYS A 356 -18.44 21.87 1.20
C LYS A 356 -18.80 21.02 0.01
N GLY A 357 -19.95 20.36 0.04
CA GLY A 357 -20.27 19.37 -0.99
C GLY A 357 -19.58 18.03 -0.79
N TRP A 358 -19.10 17.74 0.43
CA TRP A 358 -18.31 16.54 0.65
C TRP A 358 -19.06 15.42 1.29
N PHE A 359 -20.31 15.65 1.63
CA PHE A 359 -20.97 14.75 2.54
C PHE A 359 -21.16 13.34 1.95
N ASN A 360 -21.51 13.28 0.67
CA ASN A 360 -21.76 11.99 0.01
C ASN A 360 -20.58 11.00 0.01
N ILE A 361 -19.34 11.47 0.04
CA ILE A 361 -18.19 10.54 0.08
C ILE A 361 -17.59 10.30 1.48
N THR A 362 -18.28 10.76 2.52
CA THR A 362 -17.73 10.71 3.84
C THR A 362 -18.25 9.52 4.62
N TYR A 363 -17.32 8.82 5.27
CA TYR A 363 -17.62 7.67 6.07
C TYR A 363 -17.14 7.87 7.49
N ILE A 364 -17.94 7.45 8.46
CA ILE A 364 -17.45 7.42 9.85
C ILE A 364 -16.83 6.06 10.14
N SER A 365 -15.57 6.05 10.54
CA SER A 365 -14.86 4.79 10.75
C SER A 365 -15.10 4.30 12.16
N MET A 366 -15.17 2.98 12.28
CA MET A 366 -15.17 2.28 13.58
C MET A 366 -13.91 1.47 13.58
N ASN A 367 -13.81 0.51 14.46
CA ASN A 367 -12.74 -0.49 14.41
C ASN A 367 -13.23 -1.69 15.22
N GLN A 368 -12.36 -2.66 15.50
CA GLN A 368 -12.81 -3.89 16.14
C GLN A 368 -13.19 -3.56 17.59
N ARG A 369 -14.48 -3.55 17.86
CA ARG A 369 -15.00 -3.38 19.20
C ARG A 369 -16.04 -4.48 19.46
N SER A 370 -16.52 -4.52 20.70
CA SER A 370 -17.61 -5.39 21.09
C SER A 370 -18.80 -5.09 20.24
N MET A 371 -19.61 -6.12 20.01
CA MET A 371 -20.85 -5.96 19.27
C MET A 371 -21.73 -4.88 19.90
N ASP A 372 -21.66 -4.73 21.22
CA ASP A 372 -22.43 -3.67 21.88
C ASP A 372 -21.94 -2.30 21.43
N ASP A 373 -20.63 -2.06 21.49
CA ASP A 373 -20.12 -0.76 21.03
C ASP A 373 -20.50 -0.53 19.56
N LEU A 374 -20.30 -1.54 18.71
CA LEU A 374 -20.54 -1.38 17.27
C LEU A 374 -21.97 -1.08 16.95
N LYS A 375 -22.90 -1.74 17.67
CA LYS A 375 -24.33 -1.47 17.47
C LYS A 375 -24.76 -0.11 17.94
N ALA A 376 -24.17 0.37 19.03
CA ALA A 376 -24.46 1.73 19.50
C ALA A 376 -24.02 2.74 18.47
N CYS A 377 -22.82 2.51 17.89
CA CYS A 377 -22.33 3.35 16.80
C CYS A 377 -23.24 3.38 15.62
N VAL A 378 -23.59 2.20 15.13
CA VAL A 378 -24.36 2.14 13.88
C VAL A 378 -25.75 2.72 14.15
N ASP A 379 -26.29 2.44 15.34
CA ASP A 379 -27.61 2.98 15.71
C ASP A 379 -27.57 4.51 15.81
N LEU A 380 -26.54 5.07 16.43
CA LEU A 380 -26.50 6.51 16.50
C LEU A 380 -26.36 7.09 15.09
N ILE A 381 -25.40 6.54 14.34
CA ILE A 381 -25.06 7.10 13.06
C ILE A 381 -26.25 7.06 12.15
N GLU A 382 -26.96 5.93 12.15
CA GLU A 382 -28.14 5.78 11.30
C GLU A 382 -29.23 6.76 11.72
N ASN A 383 -29.26 7.11 13.00
CA ASN A 383 -30.32 7.98 13.48
C ASN A 383 -30.17 9.47 13.17
N ILE A 384 -29.00 9.91 12.70
CA ILE A 384 -28.78 11.32 12.41
C ILE A 384 -28.76 11.53 10.92
N THR A 385 -29.68 12.33 10.43
CA THR A 385 -29.79 12.50 8.99
C THR A 385 -29.96 13.94 8.58
N ASN A 386 -29.61 14.20 7.31
CA ASN A 386 -29.84 15.48 6.68
C ASN A 386 -31.32 15.60 6.21
N ASN A 387 -31.61 16.59 5.37
CA ASN A 387 -32.97 16.81 4.84
C ASN A 387 -33.52 15.74 3.91
N SER A 388 -32.61 15.00 3.30
CA SER A 388 -32.96 13.92 2.41
C SER A 388 -32.96 12.58 3.13
N TYR A 389 -32.93 12.61 4.46
CA TYR A 389 -32.87 11.41 5.27
C TYR A 389 -31.69 10.51 4.84
N GLU A 390 -30.57 11.16 4.49
CA GLU A 390 -29.30 10.47 4.25
C GLU A 390 -28.55 10.51 5.56
N HIS A 391 -27.97 9.38 5.96
CA HIS A 391 -27.07 9.37 7.13
C HIS A 391 -25.65 9.18 6.62
N PHE A 392 -24.67 9.37 7.50
CA PHE A 392 -23.29 9.14 7.15
C PHE A 392 -23.14 7.69 6.73
N LYS A 393 -22.32 7.41 5.74
CA LYS A 393 -21.81 6.06 5.53
C LYS A 393 -20.87 5.65 6.68
N ILE A 394 -20.63 4.35 6.82
CA ILE A 394 -19.87 3.80 7.92
C ILE A 394 -18.86 2.81 7.40
N SER A 395 -17.68 2.81 7.99
CA SER A 395 -16.58 2.02 7.54
C SER A 395 -15.92 1.35 8.72
N SER A 396 -15.43 0.13 8.56
CA SER A 396 -14.77 -0.55 9.68
C SER A 396 -13.92 -1.77 9.30
N ALA A 397 -12.71 -1.81 9.83
CA ALA A 397 -12.09 -3.09 10.10
C ALA A 397 -13.07 -3.94 10.97
N MET A 398 -13.35 -5.14 10.48
CA MET A 398 -14.19 -6.09 11.18
C MET A 398 -13.42 -7.41 11.31
N ASP A 399 -13.79 -8.16 12.33
CA ASP A 399 -13.34 -9.54 12.47
C ASP A 399 -14.57 -10.37 12.15
N TYR A 400 -14.61 -10.79 10.89
CA TYR A 400 -15.57 -11.75 10.38
C TYR A 400 -14.81 -12.98 9.86
N GLU A 401 -15.24 -14.19 10.27
CA GLU A 401 -14.62 -15.44 9.78
C GLU A 401 -15.55 -16.61 9.44
N SER A 402 -16.84 -16.51 9.79
CA SER A 402 -17.80 -17.57 9.47
C SER A 402 -19.25 -17.19 9.69
N GLY A 403 -20.14 -18.06 9.22
CA GLY A 403 -21.57 -17.85 9.40
C GLY A 403 -22.10 -16.85 8.38
N ASN A 404 -23.34 -17.07 7.95
CA ASN A 404 -23.97 -16.30 6.88
C ASN A 404 -25.03 -15.30 7.36
N ASP A 405 -24.93 -14.82 8.60
CA ASP A 405 -25.83 -13.73 9.07
C ASP A 405 -25.30 -12.30 8.82
N TYR A 406 -25.77 -11.72 7.72
CA TYR A 406 -25.26 -10.47 7.19
C TYR A 406 -26.03 -9.23 7.64
N SER A 407 -27.01 -9.38 8.53
CA SER A 407 -27.97 -8.29 8.73
C SER A 407 -27.32 -7.06 9.36
N PHE A 408 -26.44 -7.27 10.32
CA PHE A 408 -25.70 -6.19 10.92
C PHE A 408 -24.55 -5.74 10.03
N LEU A 409 -23.71 -6.66 9.58
CA LEU A 409 -22.62 -6.30 8.66
C LEU A 409 -23.08 -5.48 7.43
N ASP A 410 -24.27 -5.71 6.92
CA ASP A 410 -24.77 -4.94 5.74
C ASP A 410 -25.09 -3.48 6.02
N ARG A 411 -25.08 -3.08 7.28
CA ARG A 411 -25.38 -1.70 7.67
C ARG A 411 -24.09 -0.89 7.71
N ILE A 412 -22.97 -1.58 7.52
CA ILE A 412 -21.66 -0.99 7.41
C ILE A 412 -21.25 -0.95 5.93
N ASP A 413 -21.01 0.25 5.40
CA ASP A 413 -20.86 0.44 3.95
C ASP A 413 -19.50 0.03 3.41
N ASP A 414 -18.49 0.03 4.24
CA ASP A 414 -17.20 -0.47 3.81
C ASP A 414 -16.63 -1.24 4.96
N ILE A 415 -16.23 -2.49 4.71
CA ILE A 415 -15.55 -3.26 5.75
C ILE A 415 -14.26 -3.83 5.21
N SER A 416 -13.31 -4.03 6.08
CA SER A 416 -12.07 -4.64 5.73
C SER A 416 -11.76 -5.72 6.75
N ILE A 417 -11.31 -6.89 6.28
CA ILE A 417 -11.09 -8.05 7.14
C ILE A 417 -9.62 -8.42 7.12
N GLY A 418 -9.04 -8.57 8.30
CA GLY A 418 -7.66 -9.01 8.42
C GLY A 418 -7.41 -10.40 7.85
N LEU A 419 -6.31 -10.58 7.15
CA LEU A 419 -6.00 -11.83 6.52
C LEU A 419 -5.97 -12.98 7.56
N SER A 420 -5.46 -12.70 8.75
CA SER A 420 -5.40 -13.75 9.79
C SER A 420 -6.79 -14.19 10.29
N HIS A 421 -7.85 -13.46 9.99
CA HIS A 421 -9.18 -13.94 10.29
C HIS A 421 -9.84 -14.60 9.10
N ILE A 422 -9.13 -14.75 7.98
CA ILE A 422 -9.73 -15.37 6.80
C ILE A 422 -9.26 -16.82 6.74
N ASN A 423 -10.25 -17.70 6.68
CA ASN A 423 -10.02 -19.13 6.79
C ASN A 423 -9.95 -19.65 5.38
N HIS A 424 -8.77 -20.10 4.97
CA HIS A 424 -8.61 -20.58 3.61
C HIS A 424 -9.45 -21.82 3.34
N ASN A 425 -9.59 -22.71 4.34
CA ASN A 425 -10.40 -23.97 4.20
C ASN A 425 -11.91 -23.77 4.29
N SER A 426 -12.40 -22.64 3.77
CA SER A 426 -13.81 -22.36 3.79
C SER A 426 -14.13 -21.22 2.88
N ASP A 427 -15.41 -21.11 2.56
CA ASP A 427 -15.92 -20.11 1.67
C ASP A 427 -16.73 -19.11 2.42
N ASP A 428 -16.63 -19.10 3.75
CA ASP A 428 -17.33 -18.09 4.56
C ASP A 428 -17.00 -16.66 4.06
N MET A 429 -15.70 -16.35 3.99
CA MET A 429 -15.27 -15.00 3.58
C MET A 429 -15.82 -14.62 2.21
N LYS A 430 -15.64 -15.50 1.23
CA LYS A 430 -16.07 -15.22 -0.16
C LYS A 430 -17.57 -15.05 -0.29
N ASN A 431 -18.32 -15.84 0.46
CA ASN A 431 -19.76 -15.73 0.41
C ASN A 431 -20.18 -14.42 1.02
N MET A 432 -19.54 -14.06 2.12
CA MET A 432 -19.82 -12.79 2.76
C MET A 432 -19.54 -11.63 1.78
N ALA A 433 -18.34 -11.63 1.20
CA ALA A 433 -17.98 -10.60 0.18
C ALA A 433 -18.94 -10.55 -1.01
N THR A 434 -19.41 -11.71 -1.45
CA THR A 434 -20.27 -11.73 -2.65
C THR A 434 -21.62 -11.08 -2.37
N HIS A 435 -22.16 -11.36 -1.19
CA HIS A 435 -23.38 -10.72 -0.77
C HIS A 435 -23.18 -9.21 -0.80
N ARG A 436 -22.05 -8.74 -0.29
CA ARG A 436 -21.80 -7.31 -0.22
C ARG A 436 -21.69 -6.67 -1.60
N GLN A 437 -20.94 -7.31 -2.51
CA GLN A 437 -20.86 -6.81 -3.90
C GLN A 437 -22.23 -6.63 -4.51
N GLU A 438 -23.11 -7.61 -4.30
CA GLU A 438 -24.49 -7.54 -4.82
C GLU A 438 -25.21 -6.31 -4.32
N LEU A 439 -25.10 -6.04 -3.02
CA LEU A 439 -25.71 -4.86 -2.42
C LEU A 439 -24.96 -3.56 -2.70
N GLY A 440 -23.86 -3.62 -3.45
CA GLY A 440 -23.13 -2.39 -3.81
C GLY A 440 -22.30 -1.84 -2.64
N LEU A 441 -21.92 -2.70 -1.69
CA LEU A 441 -21.05 -2.30 -0.59
C LEU A 441 -19.60 -2.70 -0.86
N LEU A 442 -18.70 -2.05 -0.12
CA LEU A 442 -17.30 -2.27 -0.26
C LEU A 442 -16.77 -3.26 0.76
N THR A 443 -15.82 -4.06 0.28
CA THR A 443 -15.15 -5.02 1.12
C THR A 443 -13.70 -5.13 0.68
N THR A 444 -12.79 -5.19 1.65
CA THR A 444 -11.38 -5.36 1.40
C THR A 444 -10.82 -6.30 2.42
N ILE A 445 -9.57 -6.70 2.20
CA ILE A 445 -8.80 -7.38 3.20
C ILE A 445 -7.65 -6.46 3.53
N TYR A 446 -7.02 -6.72 4.68
CA TYR A 446 -5.79 -6.03 5.04
C TYR A 446 -4.81 -7.00 5.60
N THR A 447 -3.55 -6.58 5.62
CA THR A 447 -2.55 -7.26 6.40
C THR A 447 -2.00 -6.30 7.45
N CYS A 448 -1.42 -6.83 8.52
CA CYS A 448 -0.81 -6.04 9.55
C CYS A 448 0.22 -6.91 10.30
N THR A 449 0.70 -6.46 11.44
CA THR A 449 1.64 -7.22 12.32
C THR A 449 1.08 -8.61 12.56
N GLY A 450 1.95 -9.60 12.64
CA GLY A 450 1.48 -10.98 12.79
C GLY A 450 0.94 -11.65 11.52
N ASP A 451 0.72 -10.93 10.42
CA ASP A 451 0.22 -11.59 9.19
C ASP A 451 1.29 -12.23 8.32
N TYR A 452 0.88 -13.25 7.56
CA TYR A 452 1.76 -13.88 6.54
C TYR A 452 0.89 -14.56 5.52
N PRO A 453 1.03 -14.24 4.24
CA PRO A 453 1.94 -13.19 3.71
C PRO A 453 1.69 -11.77 4.24
N SER A 454 2.68 -10.91 4.11
CA SER A 454 2.46 -9.52 4.50
C SER A 454 3.43 -8.60 3.76
N SER A 455 3.57 -7.36 4.24
CA SER A 455 4.39 -6.35 3.56
C SER A 455 5.35 -5.70 4.51
N PHE A 456 6.16 -6.50 5.19
CA PHE A 456 7.22 -5.99 6.06
C PHE A 456 8.55 -5.84 5.32
N THR A 457 9.49 -5.18 5.98
CA THR A 457 10.83 -5.06 5.48
C THR A 457 11.49 -6.42 5.30
N ILE A 458 11.21 -7.33 6.23
CA ILE A 458 11.79 -8.65 6.22
C ILE A 458 10.97 -9.60 5.36
N SER A 459 9.81 -9.18 4.88
CA SER A 459 9.03 -10.02 3.98
C SER A 459 9.71 -10.19 2.63
N ASP A 460 9.42 -11.30 1.97
CA ASP A 460 9.70 -11.45 0.56
C ASP A 460 8.77 -10.47 -0.15
N PRO A 461 9.28 -9.63 -1.09
CA PRO A 461 8.36 -8.68 -1.73
C PRO A 461 7.20 -9.27 -2.51
N SER A 462 7.40 -10.43 -3.14
CA SER A 462 6.32 -11.22 -3.82
C SER A 462 5.06 -11.41 -2.98
N GLU A 463 5.24 -11.47 -1.67
CA GLU A 463 4.11 -11.58 -0.73
C GLU A 463 3.05 -10.51 -0.98
N GLY A 464 3.49 -9.34 -1.40
CA GLY A 464 2.57 -8.27 -1.73
C GLY A 464 1.73 -8.56 -2.93
N ALA A 465 2.35 -9.06 -3.98
CA ALA A 465 1.57 -9.43 -5.15
C ALA A 465 0.55 -10.50 -4.76
N PHE A 466 0.99 -11.52 -4.00
CA PHE A 466 0.07 -12.55 -3.47
C PHE A 466 -1.11 -11.97 -2.72
N THR A 467 -0.84 -11.04 -1.83
CA THR A 467 -1.88 -10.46 -1.02
C THR A 467 -2.96 -9.87 -1.88
N ILE A 468 -2.56 -9.16 -2.92
CA ILE A 468 -3.55 -8.53 -3.77
C ILE A 468 -4.38 -9.59 -4.49
N TRP A 469 -3.72 -10.64 -4.96
CA TRP A 469 -4.45 -11.72 -5.65
C TRP A 469 -5.42 -12.39 -4.66
N TYR A 470 -5.00 -12.54 -3.41
CA TYR A 470 -5.89 -13.08 -2.37
C TYR A 470 -7.16 -12.24 -2.19
N SER A 471 -7.06 -10.92 -2.29
CA SER A 471 -8.24 -10.05 -2.24
C SER A 471 -9.24 -10.43 -3.33
N LEU A 472 -8.73 -10.83 -4.50
CA LEU A 472 -9.62 -11.20 -5.57
C LEU A 472 -10.12 -12.65 -5.43
N TYR A 473 -9.24 -13.54 -4.99
CA TYR A 473 -9.61 -14.92 -4.62
C TYR A 473 -10.74 -14.93 -3.61
N GLN A 474 -10.74 -13.97 -2.66
CA GLN A 474 -11.86 -13.84 -1.72
C GLN A 474 -13.02 -13.02 -2.25
N ASN A 475 -12.92 -12.60 -3.50
CA ASN A 475 -13.99 -11.85 -4.10
C ASN A 475 -14.33 -10.49 -3.41
N THR A 476 -13.30 -9.85 -2.83
CA THR A 476 -13.46 -8.51 -2.28
C THR A 476 -13.15 -7.47 -3.35
N ASN A 477 -13.33 -6.20 -2.98
CA ASN A 477 -13.07 -5.11 -3.90
C ASN A 477 -11.60 -4.74 -3.95
N GLY A 478 -10.81 -5.23 -3.00
CA GLY A 478 -9.44 -4.80 -2.90
C GLY A 478 -8.77 -4.93 -1.55
N PHE A 479 -7.89 -3.97 -1.25
CA PHE A 479 -6.88 -4.09 -0.26
C PHE A 479 -6.77 -2.82 0.57
N LEU A 480 -6.64 -2.98 1.87
CA LEU A 480 -6.48 -1.85 2.77
C LEU A 480 -5.23 -2.12 3.55
N ARG A 481 -4.41 -1.10 3.76
CA ARG A 481 -3.36 -1.25 4.74
C ARG A 481 -3.18 0.04 5.53
N TRP A 482 -2.78 -0.11 6.77
CA TRP A 482 -2.79 1.01 7.68
C TRP A 482 -1.60 1.92 7.52
N SER A 483 -0.70 1.61 6.58
CA SER A 483 0.72 1.86 6.70
C SER A 483 1.40 2.49 5.47
N TRP A 484 0.87 3.59 4.98
CA TRP A 484 1.50 4.29 3.87
C TRP A 484 2.86 4.82 4.27
N ASP A 485 2.90 5.49 5.42
CA ASP A 485 3.98 6.44 5.62
C ASP A 485 4.30 6.75 7.08
N GLY A 486 4.15 5.77 7.96
CA GLY A 486 4.36 5.99 9.40
C GLY A 486 5.80 5.86 9.82
N TRP A 487 6.61 6.77 9.37
CA TRP A 487 8.04 6.69 9.56
C TRP A 487 8.44 6.79 11.02
N VAL A 488 9.51 6.08 11.37
CA VAL A 488 10.26 6.25 12.59
C VAL A 488 11.22 7.45 12.41
N GLU A 489 12.21 7.57 13.28
CA GLU A 489 13.01 8.77 13.30
C GLU A 489 13.77 8.95 12.01
N ASN A 490 14.50 7.91 11.61
CA ASN A 490 15.39 7.97 10.47
C ASN A 490 15.36 6.63 9.72
N PRO A 491 14.24 6.33 9.08
CA PRO A 491 14.06 5.00 8.54
C PRO A 491 15.04 4.63 7.46
N LEU A 492 15.53 5.62 6.74
CA LEU A 492 16.55 5.36 5.77
C LEU A 492 17.78 4.65 6.40
N GLU A 493 17.97 4.74 7.72
CA GLU A 493 19.13 4.07 8.37
C GLU A 493 18.74 2.93 9.29
N ASN A 494 17.58 3.03 9.94
CA ASN A 494 17.13 1.99 10.83
C ASN A 494 15.63 2.11 11.00
N VAL A 495 14.90 1.06 10.66
CA VAL A 495 13.46 1.09 10.70
C VAL A 495 12.90 0.50 11.99
N SER A 496 13.80 -0.03 12.83
CA SER A 496 13.38 -0.72 14.04
C SER A 496 12.48 0.14 14.89
N TYR A 497 11.35 -0.40 15.29
CA TYR A 497 10.41 0.30 16.13
C TYR A 497 10.00 -0.70 17.16
N LYS A 498 9.51 -0.20 18.30
CA LYS A 498 9.23 -1.04 19.48
C LYS A 498 8.09 -2.01 19.30
N TYR A 499 7.19 -1.73 18.36
CA TYR A 499 6.15 -2.69 18.04
C TYR A 499 6.31 -3.15 16.63
N TRP A 500 5.76 -4.33 16.38
CA TRP A 500 5.57 -4.87 15.06
C TRP A 500 6.80 -5.31 14.32
N GLU A 501 6.58 -6.13 13.31
CA GLU A 501 7.64 -6.51 12.41
C GLU A 501 8.19 -5.27 11.79
N PRO A 502 9.48 -5.29 11.53
CA PRO A 502 10.07 -4.08 11.00
C PRO A 502 9.48 -3.68 9.67
N GLY A 503 9.34 -2.37 9.48
CA GLY A 503 8.75 -1.79 8.31
C GLY A 503 7.24 -1.88 8.24
N ASP A 504 6.60 -2.53 9.22
CA ASP A 504 5.16 -2.61 9.17
C ASP A 504 4.42 -1.27 8.97
N PRO A 505 4.88 -0.18 9.62
CA PRO A 505 4.11 1.07 9.59
C PRO A 505 4.24 1.93 8.33
N PHE A 506 5.12 1.55 7.39
CA PHE A 506 5.29 2.32 6.14
C PHE A 506 5.69 1.49 4.93
N LEU A 507 5.04 1.80 3.82
CA LEU A 507 5.33 1.23 2.50
C LEU A 507 6.21 2.09 1.60
N ILE A 508 6.33 3.37 1.93
CA ILE A 508 7.31 4.25 1.31
C ILE A 508 8.23 4.80 2.35
N TYR A 509 9.42 5.15 1.91
CA TYR A 509 10.38 5.83 2.74
C TYR A 509 10.34 7.32 2.45
N PRO A 510 10.85 8.12 3.39
CA PRO A 510 11.08 9.51 3.09
C PRO A 510 12.32 9.67 2.27
N ALA A 511 12.50 10.82 1.64
CA ALA A 511 13.82 11.19 1.16
C ALA A 511 14.71 11.65 2.31
N GLU A 512 15.96 11.93 1.97
CA GLU A 512 16.90 12.54 2.92
C GLU A 512 16.39 13.92 3.23
N LYS A 513 16.59 14.38 4.47
CA LYS A 513 16.02 15.68 4.90
C LYS A 513 16.46 16.85 4.00
N ASP A 514 17.65 16.73 3.43
CA ASP A 514 18.21 17.74 2.54
C ASP A 514 17.84 17.57 1.07
N SER A 515 16.83 16.76 0.76
CA SER A 515 16.65 16.38 -0.64
C SER A 515 16.38 17.59 -1.54
N ILE A 516 16.87 17.51 -2.79
CA ILE A 516 16.78 18.59 -3.78
C ILE A 516 15.34 19.06 -4.12
N GLY A 517 14.38 18.20 -4.49
CA GLY A 517 14.56 16.81 -4.84
C GLY A 517 13.32 15.91 -4.75
N LYS A 518 13.62 14.62 -4.70
CA LYS A 518 12.67 13.59 -4.30
C LYS A 518 12.10 13.83 -2.89
N THR A 519 10.84 13.49 -2.68
CA THR A 519 10.20 13.59 -1.35
C THR A 519 9.89 12.22 -0.72
N PHE A 520 10.16 11.14 -1.46
CA PHE A 520 9.98 9.77 -0.95
C PHE A 520 10.70 8.80 -1.85
N TYR A 521 10.96 7.61 -1.29
CA TYR A 521 11.46 6.48 -2.08
C TYR A 521 10.49 5.33 -1.95
N SER A 522 10.35 4.56 -3.02
CA SER A 522 9.49 3.39 -3.07
C SER A 522 10.23 2.22 -2.47
N THR A 523 9.53 1.10 -2.28
CA THR A 523 10.17 -0.10 -1.78
C THR A 523 9.77 -1.27 -2.67
N PRO A 524 10.62 -2.32 -2.75
CA PRO A 524 10.23 -3.51 -3.52
C PRO A 524 8.89 -4.06 -3.08
N ARG A 525 8.68 -4.14 -1.76
CA ARG A 525 7.36 -4.59 -1.26
C ARG A 525 6.19 -3.77 -1.77
N LEU A 526 6.35 -2.47 -1.86
CA LEU A 526 5.28 -1.66 -2.44
C LEU A 526 5.14 -1.89 -3.96
N GLU A 527 6.24 -2.01 -4.65
CA GLU A 527 6.18 -2.26 -6.11
C GLU A 527 5.47 -3.56 -6.45
N LYS A 528 5.51 -4.52 -5.52
CA LYS A 528 4.83 -5.78 -5.71
C LYS A 528 3.36 -5.69 -5.41
N LEU A 529 2.99 -4.84 -4.45
CA LEU A 529 1.59 -4.53 -4.29
C LEU A 529 1.12 -3.92 -5.57
N LYS A 530 1.89 -3.00 -6.11
CA LYS A 530 1.48 -2.29 -7.33
C LYS A 530 1.30 -3.28 -8.49
N GLU A 531 2.22 -4.22 -8.57
CA GLU A 531 2.15 -5.25 -9.62
C GLU A 531 0.87 -6.04 -9.45
N GLY A 532 0.62 -6.47 -8.23
CA GLY A 532 -0.55 -7.27 -7.96
C GLY A 532 -1.77 -6.52 -8.38
N ILE A 533 -1.81 -5.23 -8.08
CA ILE A 533 -2.98 -4.43 -8.43
C ILE A 533 -3.17 -4.32 -9.94
N ARG A 534 -2.12 -3.98 -10.65
CA ARG A 534 -2.23 -3.92 -12.11
C ARG A 534 -2.68 -5.31 -12.63
N ASP A 535 -2.18 -6.37 -12.03
CA ASP A 535 -2.45 -7.71 -12.57
C ASP A 535 -3.88 -8.19 -12.24
N ILE A 536 -4.43 -7.80 -11.11
CA ILE A 536 -5.83 -8.07 -10.86
C ILE A 536 -6.72 -7.20 -11.71
N ASN A 537 -6.22 -6.04 -12.05
CA ASN A 537 -6.93 -5.19 -12.97
C ASN A 537 -6.95 -5.77 -14.38
N LYS A 538 -5.90 -6.47 -14.78
CA LYS A 538 -5.92 -7.12 -16.09
C LYS A 538 -7.01 -8.19 -16.05
N ALA A 539 -7.05 -8.94 -14.96
CA ALA A 539 -8.03 -10.03 -14.84
C ALA A 539 -9.47 -9.54 -14.83
N LYS A 540 -9.75 -8.45 -14.13
CA LYS A 540 -11.10 -7.86 -14.10
C LYS A 540 -11.51 -7.27 -15.47
N TYR A 541 -10.54 -6.67 -16.14
CA TYR A 541 -10.75 -6.11 -17.45
C TYR A 541 -11.12 -7.24 -18.42
N LEU A 542 -10.38 -8.36 -18.37
CA LEU A 542 -10.67 -9.49 -19.27
C LEU A 542 -12.06 -10.05 -19.01
N MET A 543 -12.31 -10.49 -17.78
CA MET A 543 -13.63 -10.91 -17.36
C MET A 543 -14.72 -10.04 -17.95
N GLU A 544 -14.53 -8.73 -17.94
CA GLU A 544 -15.54 -7.81 -18.44
C GLU A 544 -15.63 -7.77 -19.97
N LYS A 545 -14.48 -7.70 -20.64
CA LYS A 545 -14.44 -7.49 -22.08
C LYS A 545 -14.51 -8.78 -22.89
N ALA A 546 -14.21 -9.90 -22.24
CA ALA A 546 -14.25 -11.22 -22.87
C ALA A 546 -15.10 -12.15 -22.01
N PRO A 547 -16.46 -11.97 -22.05
CA PRO A 547 -17.36 -12.70 -21.14
C PRO A 547 -17.22 -14.22 -21.25
N ASN A 548 -17.03 -14.70 -22.48
CA ASN A 548 -16.61 -16.07 -22.80
C ASN A 548 -15.39 -16.65 -22.06
N LEU A 549 -14.49 -15.82 -21.55
CA LEU A 549 -13.34 -16.31 -20.79
C LEU A 549 -13.55 -16.22 -19.29
N LYS A 550 -14.71 -15.73 -18.88
CA LYS A 550 -14.87 -15.36 -17.51
C LYS A 550 -14.71 -16.51 -16.56
N ASN A 551 -15.41 -17.63 -16.79
CA ASN A 551 -15.32 -18.76 -15.85
C ASN A 551 -13.97 -19.42 -15.94
N SER A 552 -13.36 -19.40 -17.13
CA SER A 552 -11.97 -19.86 -17.22
C SER A 552 -11.07 -19.05 -16.27
N ILE A 553 -11.24 -17.73 -16.28
CA ILE A 553 -10.46 -16.84 -15.42
C ILE A 553 -10.83 -17.07 -13.95
N GLU A 554 -12.13 -17.02 -13.65
CA GLU A 554 -12.57 -17.29 -12.29
C GLU A 554 -11.95 -18.59 -11.75
N ASN A 555 -11.91 -19.65 -12.56
CA ASN A 555 -11.38 -20.93 -12.09
C ASN A 555 -9.91 -20.83 -11.76
N LEU A 556 -9.18 -20.19 -12.65
CA LEU A 556 -7.77 -19.89 -12.41
C LEU A 556 -7.58 -19.17 -11.06
N ILE A 557 -8.38 -18.14 -10.82
CA ILE A 557 -8.24 -17.32 -9.61
C ILE A 557 -8.51 -18.18 -8.37
N TYR A 558 -9.67 -18.85 -8.41
CA TYR A 558 -10.05 -19.78 -7.36
C TYR A 558 -9.15 -21.01 -7.14
N SER A 559 -8.16 -21.25 -7.99
CA SER A 559 -7.15 -22.27 -7.71
C SER A 559 -6.04 -21.85 -6.73
N LEU A 560 -5.96 -20.57 -6.39
CA LEU A 560 -4.88 -20.06 -5.56
C LEU A 560 -4.77 -20.83 -4.26
N LYS A 561 -3.54 -21.20 -3.93
CA LYS A 561 -3.16 -21.89 -2.74
C LYS A 561 -2.61 -20.86 -1.77
N ARG A 562 -2.74 -21.14 -0.48
CA ARG A 562 -2.31 -20.20 0.52
C ARG A 562 -1.18 -20.79 1.31
N PRO A 563 -0.04 -20.13 1.33
CA PRO A 563 1.00 -20.65 2.18
C PRO A 563 0.71 -20.52 3.65
N ASN A 564 1.47 -21.31 4.39
CA ASN A 564 1.32 -21.38 5.81
C ASN A 564 2.22 -20.40 6.51
N LYS A 565 1.59 -19.84 7.54
CA LYS A 565 2.18 -18.85 8.40
C LYS A 565 3.00 -19.58 9.43
N GLY A 566 4.21 -19.10 9.67
CA GLY A 566 5.03 -19.62 10.74
C GLY A 566 5.36 -18.45 11.63
N GLU A 567 6.51 -18.53 12.30
CA GLU A 567 6.97 -17.45 13.14
C GLU A 567 8.43 -17.66 13.47
N ASN A 568 9.25 -16.63 13.31
CA ASN A 568 10.67 -16.75 13.58
C ASN A 568 10.95 -16.79 15.10
N ALA A 569 12.22 -16.87 15.46
CA ALA A 569 12.58 -17.08 16.85
C ALA A 569 12.34 -15.84 17.72
N TYR A 570 11.92 -14.73 17.12
CA TYR A 570 11.87 -13.47 17.82
C TYR A 570 10.54 -12.76 17.68
N GLY A 571 9.49 -13.52 17.41
CA GLY A 571 8.12 -13.03 17.43
C GLY A 571 7.52 -12.56 16.09
N SER A 572 8.33 -12.46 15.03
CA SER A 572 7.81 -11.99 13.74
C SER A 572 7.12 -13.14 13.01
N ALA A 573 5.97 -12.87 12.40
CA ALA A 573 5.39 -13.80 11.47
C ALA A 573 6.31 -13.91 10.24
N VAL A 574 6.40 -15.12 9.69
CA VAL A 574 7.20 -15.41 8.51
C VAL A 574 6.52 -16.58 7.85
N ALA A 575 7.06 -17.03 6.73
CA ALA A 575 6.55 -18.26 6.10
C ALA A 575 6.85 -19.45 7.04
N ALA A 576 5.93 -20.40 7.11
CA ALA A 576 6.16 -21.63 7.90
C ALA A 576 7.49 -22.31 7.55
N SER A 577 7.79 -22.41 6.25
CA SER A 577 8.93 -23.18 5.74
C SER A 577 9.35 -22.71 4.35
N LYS A 578 10.45 -23.26 3.84
CA LYS A 578 10.93 -22.96 2.48
C LYS A 578 9.88 -23.26 1.45
N GLU A 579 9.09 -24.29 1.71
CA GLU A 579 8.04 -24.72 0.79
C GLU A 579 6.97 -23.63 0.68
N ASP A 580 6.67 -22.99 1.80
CA ASP A 580 5.66 -21.94 1.84
C ASP A 580 6.13 -20.64 1.19
N ARG A 581 7.42 -20.32 1.31
CA ARG A 581 7.99 -19.20 0.58
C ARG A 581 7.87 -19.43 -0.89
N ASP A 582 8.31 -20.61 -1.32
CA ASP A 582 8.30 -20.93 -2.74
C ASP A 582 6.91 -20.88 -3.27
N LEU A 583 5.94 -21.30 -2.47
CA LEU A 583 4.55 -21.33 -2.94
C LEU A 583 3.96 -19.93 -3.17
N THR A 584 4.38 -18.97 -2.37
CA THR A 584 3.88 -17.61 -2.53
C THR A 584 4.34 -17.09 -3.88
N ILE A 585 5.58 -17.41 -4.22
CA ILE A 585 6.14 -16.95 -5.47
C ILE A 585 5.50 -17.68 -6.64
N SER A 586 5.59 -19.01 -6.60
CA SER A 586 5.07 -19.84 -7.66
C SER A 586 3.59 -19.57 -7.98
N GLU A 587 2.80 -19.37 -6.93
CA GLU A 587 1.39 -19.06 -7.08
C GLU A 587 1.15 -17.70 -7.71
N ALA A 588 1.95 -16.71 -7.33
CA ALA A 588 1.78 -15.36 -7.89
C ALA A 588 2.03 -15.43 -9.40
N ASN A 589 3.18 -16.01 -9.76
CA ASN A 589 3.60 -16.13 -11.14
C ASN A 589 2.63 -16.97 -11.93
N ARG A 590 2.21 -18.09 -11.35
CA ARG A 590 1.24 -18.95 -12.00
C ARG A 590 0.04 -18.15 -12.44
N ILE A 591 -0.59 -17.46 -11.50
CA ILE A 591 -1.79 -16.74 -11.81
C ILE A 591 -1.55 -15.63 -12.86
N LYS A 592 -0.51 -14.82 -12.66
CA LYS A 592 -0.13 -13.78 -13.61
C LYS A 592 -0.01 -14.34 -15.03
N ASN A 593 0.73 -15.44 -15.16
CA ASN A 593 0.93 -16.08 -16.45
C ASN A 593 -0.33 -16.58 -17.04
N GLY A 594 -1.13 -17.24 -16.23
CA GLY A 594 -2.43 -17.70 -16.67
C GLY A 594 -3.19 -16.55 -17.31
N ILE A 595 -3.21 -15.40 -16.64
CA ILE A 595 -3.98 -14.24 -17.10
C ILE A 595 -3.41 -13.70 -18.40
N ASN A 596 -2.09 -13.68 -18.49
CA ASN A 596 -1.44 -13.26 -19.74
C ASN A 596 -1.76 -14.18 -20.92
N ASN A 597 -2.02 -15.45 -20.64
CA ASN A 597 -2.47 -16.37 -21.66
C ASN A 597 -3.90 -16.11 -22.05
N PHE A 598 -4.74 -15.79 -21.07
CA PHE A 598 -6.09 -15.38 -21.42
C PHE A 598 -6.05 -14.08 -22.18
N ALA A 599 -5.06 -13.26 -21.89
CA ALA A 599 -4.93 -12.01 -22.58
C ALA A 599 -4.75 -12.34 -24.05
N ARG A 600 -3.74 -13.18 -24.30
CA ARG A 600 -3.38 -13.58 -25.65
C ARG A 600 -4.54 -14.24 -26.39
N GLU A 601 -5.37 -14.98 -25.67
CA GLU A 601 -6.52 -15.62 -26.28
C GLU A 601 -7.51 -14.60 -26.79
N PHE A 602 -7.83 -13.60 -25.95
CA PHE A 602 -8.68 -12.50 -26.33
C PHE A 602 -8.08 -11.70 -27.51
N ILE A 603 -6.79 -11.42 -27.45
CA ILE A 603 -6.13 -10.69 -28.52
C ILE A 603 -6.23 -11.47 -29.85
N SER A 604 -5.94 -12.78 -29.79
CA SER A 604 -6.11 -13.66 -30.95
C SER A 604 -7.52 -13.59 -31.54
N LEU A 605 -8.52 -13.80 -30.69
CA LEU A 605 -9.91 -13.68 -31.07
C LEU A 605 -10.14 -12.43 -31.92
N THR A 606 -9.61 -11.30 -31.48
CA THR A 606 -9.84 -10.03 -32.19
C THR A 606 -9.16 -10.03 -33.58
N MET A 607 -7.96 -10.58 -33.68
CA MET A 607 -7.28 -10.73 -34.97
C MET A 607 -7.69 -11.94 -35.83
N GLU A 608 -7.70 -13.16 -35.25
CA GLU A 608 -8.11 -14.48 -35.88
C GLU A 608 -6.97 -15.40 -36.59
N THR A 609 -6.93 -15.71 -37.79
#